data_7C1B
#
_entry.id   7C1B
#
_cell.length_a   52.930
_cell.length_b   55.470
_cell.length_c   124.400
_cell.angle_alpha   90.000
_cell.angle_beta   90.000
_cell.angle_gamma   90.000
#
_symmetry.space_group_name_H-M   'P 21 21 21'
#
loop_
_entity.id
_entity.type
_entity.pdbx_description
1 polymer 'Sugar ABC transporter, periplasmic sugar-binding protein'
2 non-polymer 1,2-ETHANEDIOL
3 non-polymer DI(HYDROXYETHYL)ETHER
4 water water
#
_entity_poly.entity_id   1
_entity_poly.type   'polypeptide(L)'
_entity_poly.pdbx_seq_one_letter_code
;MMKPEDVIKEQCARAKVVAELWHGFTGGAPKAALENLVVEFNKAQQGRCVRAQAAENNIALYLEAKALLPIESLGVKLQG
VNLTFLNAVRFGGVVYGVPFNKSIQVLYYNKDLLKKHGVPVPATLEEFVAAAKKLSRAEGGPVYWFQPDASTFAYFFFNL
GGSYLKDGKLVLNSKEAVEALTLLQNGVKEGWAKPITSGAINQNLGSGPYAFSVDTSAGYTAYLRAAKFDLGVATLPGRT
KGQPGYGLVQGTNLVVFRQASKEEQAVAKDFLEFVLSPRAQAVFATATGYVPVTEGALKDPVYQAYAAENPDYATIVRQS
RYAKFEPALAEWEQIRFDILGQAIKEAILNKADPKAALDRAQKLAEDLLSSRTRHHHHHH
;
_entity_poly.pdbx_strand_id   A
#
# COMPACT_ATOMS: atom_id res chain seq x y z
N GLU A 5 -10.30 21.56 -12.71
CA GLU A 5 -11.09 20.46 -13.37
C GLU A 5 -11.96 21.08 -14.48
N ASP A 6 -12.77 22.07 -14.12
CA ASP A 6 -13.47 22.94 -15.11
C ASP A 6 -12.40 23.67 -15.92
N VAL A 7 -11.15 23.68 -15.45
CA VAL A 7 -9.97 24.25 -16.15
C VAL A 7 -9.50 23.20 -17.17
N ILE A 8 -9.48 21.92 -16.76
CA ILE A 8 -9.20 20.76 -17.67
C ILE A 8 -10.25 20.78 -18.78
N LYS A 9 -11.53 20.98 -18.44
CA LYS A 9 -12.65 21.14 -19.42
C LYS A 9 -12.32 22.22 -20.48
N GLU A 10 -12.17 23.49 -20.09
CA GLU A 10 -11.74 24.63 -20.94
C GLU A 10 -10.61 24.17 -21.89
N GLN A 11 -9.64 23.40 -21.38
CA GLN A 11 -8.36 23.07 -22.09
C GLN A 11 -8.56 21.98 -23.16
N CYS A 12 -9.52 21.06 -22.89
CA CYS A 12 -9.85 19.91 -23.78
C CYS A 12 -10.85 20.29 -24.89
N ALA A 13 -11.72 21.29 -24.66
CA ALA A 13 -12.66 21.80 -25.68
C ALA A 13 -11.84 22.43 -26.81
N ARG A 14 -10.90 23.30 -26.41
CA ARG A 14 -9.96 24.08 -27.27
C ARG A 14 -8.99 23.15 -28.02
N ALA A 15 -8.67 21.99 -27.44
CA ALA A 15 -7.70 21.02 -27.99
C ALA A 15 -8.36 20.13 -29.06
N LYS A 16 -7.56 19.60 -29.97
CA LYS A 16 -7.96 18.78 -31.15
C LYS A 16 -7.54 17.32 -30.95
N VAL A 17 -6.38 17.11 -30.35
CA VAL A 17 -5.94 15.76 -29.90
C VAL A 17 -6.25 15.70 -28.40
N VAL A 18 -7.11 14.78 -27.99
CA VAL A 18 -7.43 14.57 -26.56
C VAL A 18 -7.03 13.15 -26.19
N ALA A 19 -6.08 12.99 -25.25
CA ALA A 19 -5.71 11.67 -24.71
C ALA A 19 -6.42 11.49 -23.36
N GLU A 20 -7.09 10.36 -23.22
CA GLU A 20 -7.87 9.95 -22.05
C GLU A 20 -6.93 9.13 -21.16
N LEU A 21 -6.64 9.58 -19.95
CA LEU A 21 -5.85 8.79 -18.98
C LEU A 21 -6.74 8.35 -17.82
N TRP A 22 -6.66 7.07 -17.49
CA TRP A 22 -7.55 6.49 -16.48
C TRP A 22 -6.76 6.16 -15.23
N HIS A 23 -7.29 6.64 -14.10
CA HIS A 23 -6.71 6.62 -12.75
C HIS A 23 -7.70 5.94 -11.80
N GLY A 24 -7.26 5.59 -10.59
CA GLY A 24 -8.12 4.99 -9.55
C GLY A 24 -8.25 5.89 -8.35
N PHE A 25 -7.97 7.19 -8.48
CA PHE A 25 -8.14 8.18 -7.38
C PHE A 25 -9.64 8.45 -7.17
N THR A 26 -10.06 8.51 -5.90
CA THR A 26 -11.47 8.75 -5.46
C THR A 26 -11.72 10.25 -5.30
N GLY A 27 -11.24 10.87 -4.21
CA GLY A 27 -11.31 12.32 -3.98
C GLY A 27 -10.11 12.79 -3.18
N GLY A 28 -10.29 13.77 -2.31
CA GLY A 28 -9.26 14.27 -1.40
C GLY A 28 -8.05 14.85 -2.13
N ALA A 29 -6.94 14.99 -1.40
CA ALA A 29 -5.70 15.63 -1.90
C ALA A 29 -5.16 14.86 -3.11
N PRO A 30 -5.24 13.50 -3.16
CA PRO A 30 -4.66 12.74 -4.27
C PRO A 30 -5.32 13.15 -5.62
N LYS A 31 -6.64 13.08 -5.72
CA LYS A 31 -7.32 13.50 -6.98
C LYS A 31 -6.97 14.95 -7.29
N ALA A 32 -7.11 15.85 -6.32
CA ALA A 32 -6.74 17.27 -6.50
C ALA A 32 -5.33 17.29 -7.10
N ALA A 33 -4.37 16.61 -6.48
CA ALA A 33 -2.95 16.75 -6.85
C ALA A 33 -2.71 16.22 -8.28
N LEU A 34 -3.45 15.21 -8.72
CA LEU A 34 -3.39 14.71 -10.11
C LEU A 34 -3.93 15.76 -11.10
N GLU A 35 -5.10 16.31 -10.83
CA GLU A 35 -5.79 17.30 -11.70
C GLU A 35 -4.84 18.47 -11.88
N ASN A 36 -4.34 18.94 -10.77
CA ASN A 36 -3.27 19.95 -10.74
C ASN A 36 -2.23 19.67 -11.82
N LEU A 37 -1.69 18.44 -11.88
CA LEU A 37 -0.65 18.00 -12.85
C LEU A 37 -1.19 18.07 -14.27
N VAL A 38 -2.39 17.55 -14.47
CA VAL A 38 -3.10 17.60 -15.78
C VAL A 38 -3.15 19.05 -16.25
N VAL A 39 -3.68 19.94 -15.41
CA VAL A 39 -3.77 21.40 -15.70
C VAL A 39 -2.40 21.89 -16.16
N GLU A 40 -1.38 21.72 -15.33
CA GLU A 40 -0.02 22.28 -15.56
C GLU A 40 0.44 21.82 -16.95
N PHE A 41 0.31 20.52 -17.24
CA PHE A 41 0.79 19.89 -18.48
C PHE A 41 0.06 20.50 -19.70
N ASN A 42 -1.26 20.57 -19.60
CA ASN A 42 -2.18 21.09 -20.64
C ASN A 42 -1.72 22.51 -21.01
N LYS A 43 -1.46 23.33 -20.01
CA LYS A 43 -1.00 24.74 -20.18
C LYS A 43 0.30 24.82 -20.97
N ALA A 44 1.13 23.76 -20.99
CA ALA A 44 2.42 23.76 -21.71
C ALA A 44 2.21 23.29 -23.15
N GLN A 45 1.03 22.77 -23.47
CA GLN A 45 0.75 21.93 -24.66
C GLN A 45 -0.51 22.44 -25.33
N GLN A 46 -0.43 23.57 -26.03
CA GLN A 46 -1.63 24.16 -26.65
C GLN A 46 -1.97 23.27 -27.86
N GLY A 47 -3.26 23.04 -28.10
CA GLY A 47 -3.74 22.25 -29.27
C GLY A 47 -3.99 20.79 -28.93
N ARG A 48 -3.38 20.28 -27.86
CA ARG A 48 -3.63 18.92 -27.34
C ARG A 48 -3.77 19.02 -25.81
N CYS A 49 -4.70 18.25 -25.22
CA CYS A 49 -4.91 18.16 -23.74
C CYS A 49 -4.80 16.69 -23.31
N VAL A 50 -4.73 16.44 -21.99
CA VAL A 50 -5.03 15.15 -21.33
C VAL A 50 -6.40 15.32 -20.67
N ARG A 51 -7.24 14.30 -20.70
CA ARG A 51 -8.44 14.22 -19.83
C ARG A 51 -8.23 13.05 -18.88
N ALA A 52 -8.08 13.36 -17.59
CA ALA A 52 -8.03 12.40 -16.47
C ALA A 52 -9.47 11.98 -16.15
N GLN A 53 -9.76 10.69 -16.25
CA GLN A 53 -11.08 10.07 -15.92
C GLN A 53 -10.87 9.00 -14.82
N ALA A 54 -11.76 8.93 -13.82
CA ALA A 54 -11.75 7.89 -12.76
C ALA A 54 -12.17 6.55 -13.35
N ALA A 55 -11.38 5.48 -13.20
CA ALA A 55 -11.72 4.14 -13.73
C ALA A 55 -12.64 3.49 -12.72
N GLU A 56 -13.40 2.49 -13.16
CA GLU A 56 -14.37 1.71 -12.36
C GLU A 56 -13.67 0.61 -11.54
N ASN A 57 -12.57 0.03 -12.03
CA ASN A 57 -11.95 -1.16 -11.37
C ASN A 57 -10.41 -1.12 -11.48
N ASN A 58 -9.77 -2.27 -11.19
CA ASN A 58 -8.30 -2.55 -11.10
C ASN A 58 -7.78 -3.04 -12.45
N ILE A 59 -6.46 -3.19 -12.56
CA ILE A 59 -5.70 -3.38 -13.83
C ILE A 59 -5.75 -4.86 -14.28
N ALA A 60 -5.81 -5.80 -13.34
CA ALA A 60 -5.94 -7.24 -13.69
C ALA A 60 -7.26 -7.46 -14.43
N LEU A 61 -8.33 -6.75 -14.00
CA LEU A 61 -9.67 -6.84 -14.63
C LEU A 61 -9.60 -6.38 -16.09
N TYR A 62 -9.01 -5.19 -16.34
CA TYR A 62 -8.81 -4.59 -17.69
C TYR A 62 -7.83 -5.46 -18.50
N LEU A 63 -6.87 -6.13 -17.86
CA LEU A 63 -5.84 -6.92 -18.60
C LEU A 63 -6.36 -8.30 -18.99
N GLU A 64 -7.44 -8.76 -18.36
CA GLU A 64 -8.09 -10.06 -18.68
C GLU A 64 -8.73 -9.99 -20.06
N ALA A 65 -9.10 -8.79 -20.49
CA ALA A 65 -9.55 -8.45 -21.85
C ALA A 65 -8.35 -8.10 -22.74
N LYS A 66 -7.28 -7.59 -22.16
CA LYS A 66 -6.16 -6.91 -22.88
C LYS A 66 -6.68 -5.57 -23.42
N ALA A 67 -7.40 -4.84 -22.55
CA ALA A 67 -8.04 -3.53 -22.80
C ALA A 67 -7.03 -2.38 -22.71
N LEU A 68 -5.79 -2.64 -22.28
CA LEU A 68 -4.80 -1.56 -22.00
C LEU A 68 -3.61 -1.69 -22.96
N LEU A 69 -3.01 -0.53 -23.27
CA LEU A 69 -1.73 -0.30 -24.01
C LEU A 69 -0.54 -0.54 -23.07
N PRO A 70 0.52 -1.25 -23.53
CA PRO A 70 1.78 -1.30 -22.81
C PRO A 70 2.44 0.09 -22.73
N ILE A 71 2.79 0.53 -21.53
CA ILE A 71 3.40 1.87 -21.29
C ILE A 71 4.57 2.09 -22.25
N GLU A 72 5.47 1.13 -22.36
CA GLU A 72 6.78 1.33 -23.02
C GLU A 72 6.52 1.41 -24.53
N SER A 73 5.40 0.85 -25.00
CA SER A 73 5.04 0.88 -26.44
C SER A 73 4.52 2.28 -26.81
N LEU A 74 3.99 3.08 -25.87
CA LEU A 74 3.66 4.52 -26.10
C LEU A 74 4.96 5.31 -26.34
N GLY A 75 6.11 4.76 -25.93
CA GLY A 75 7.44 5.39 -26.03
C GLY A 75 7.93 5.92 -24.69
N VAL A 76 7.25 5.59 -23.60
CA VAL A 76 7.61 6.09 -22.24
C VAL A 76 8.88 5.36 -21.79
N LYS A 77 9.89 6.11 -21.33
CA LYS A 77 11.15 5.59 -20.74
C LYS A 77 10.96 5.44 -19.23
N LEU A 78 11.12 4.25 -18.70
CA LEU A 78 10.87 3.93 -17.27
C LEU A 78 12.20 3.75 -16.56
N GLN A 79 13.28 4.27 -17.12
CA GLN A 79 14.59 4.36 -16.43
C GLN A 79 14.42 5.46 -15.37
N GLY A 80 15.03 5.32 -14.19
CA GLY A 80 14.82 6.24 -13.05
C GLY A 80 13.66 5.84 -12.15
N VAL A 81 12.75 5.00 -12.67
CA VAL A 81 11.63 4.42 -11.87
C VAL A 81 12.27 3.38 -10.96
N ASN A 82 11.90 3.36 -9.67
CA ASN A 82 12.17 2.17 -8.84
C ASN A 82 11.28 1.04 -9.37
N LEU A 83 11.87 0.07 -10.09
CA LEU A 83 11.21 -1.08 -10.76
C LEU A 83 10.38 -1.89 -9.75
N THR A 84 10.76 -1.96 -8.49
CA THR A 84 10.00 -2.68 -7.44
C THR A 84 8.57 -2.14 -7.39
N PHE A 85 8.32 -0.90 -7.80
CA PHE A 85 6.96 -0.31 -7.71
C PHE A 85 6.16 -0.65 -8.98
N LEU A 86 6.68 -1.43 -9.92
CA LEU A 86 5.95 -1.88 -11.14
C LEU A 86 5.50 -3.33 -10.99
N ASN A 87 5.84 -3.99 -9.89
CA ASN A 87 5.53 -5.43 -9.64
C ASN A 87 4.05 -5.67 -9.99
N ALA A 88 3.11 -4.90 -9.45
CA ALA A 88 1.64 -5.04 -9.65
C ALA A 88 1.12 -4.58 -11.02
N VAL A 89 1.84 -3.78 -11.81
CA VAL A 89 1.31 -3.31 -13.15
C VAL A 89 2.05 -4.05 -14.25
N ARG A 90 2.80 -5.08 -13.87
CA ARG A 90 3.62 -5.93 -14.76
C ARG A 90 2.85 -7.24 -14.95
N PHE A 91 2.45 -7.55 -16.18
CA PHE A 91 1.76 -8.81 -16.55
C PHE A 91 2.46 -9.45 -17.77
N GLY A 92 2.80 -10.73 -17.62
CA GLY A 92 3.72 -11.47 -18.51
C GLY A 92 4.89 -10.60 -18.92
N GLY A 93 5.55 -9.96 -17.94
CA GLY A 93 6.78 -9.18 -18.16
C GLY A 93 6.52 -7.81 -18.78
N VAL A 94 5.26 -7.40 -19.00
CA VAL A 94 4.98 -6.10 -19.67
C VAL A 94 4.28 -5.14 -18.70
N VAL A 95 4.73 -3.89 -18.70
CA VAL A 95 4.20 -2.81 -17.81
C VAL A 95 3.00 -2.17 -18.49
N TYR A 96 1.85 -2.14 -17.82
CA TYR A 96 0.54 -1.63 -18.33
C TYR A 96 0.07 -0.40 -17.57
N GLY A 97 0.86 0.10 -16.62
CA GLY A 97 0.43 1.29 -15.89
C GLY A 97 1.60 1.98 -15.22
N VAL A 98 1.41 3.25 -14.95
CA VAL A 98 2.35 4.05 -14.12
C VAL A 98 1.76 4.14 -12.73
N PRO A 99 2.48 3.58 -11.74
CA PRO A 99 1.92 3.43 -10.40
C PRO A 99 2.08 4.70 -9.56
N PHE A 100 1.29 4.76 -8.51
CA PHE A 100 1.43 5.64 -7.34
C PHE A 100 1.36 4.75 -6.11
N ASN A 101 2.18 5.07 -5.13
CA ASN A 101 2.25 4.37 -3.84
C ASN A 101 1.33 5.07 -2.85
N LYS A 102 0.11 4.58 -2.72
CA LYS A 102 -0.90 5.22 -1.83
C LYS A 102 -0.49 5.00 -0.36
N SER A 103 0.06 3.83 -0.03
CA SER A 103 0.40 3.55 1.38
C SER A 103 1.44 2.45 1.49
N ILE A 104 2.06 2.52 2.64
CA ILE A 104 3.11 1.56 3.05
C ILE A 104 2.74 1.20 4.47
N GLN A 105 2.81 -0.08 4.81
CA GLN A 105 2.69 -0.56 6.21
C GLN A 105 3.88 -0.10 7.03
N VAL A 106 3.64 0.49 8.18
CA VAL A 106 4.72 0.92 9.11
C VAL A 106 4.31 0.56 10.52
N LEU A 107 5.31 0.58 11.41
CA LEU A 107 5.16 0.39 12.85
C LEU A 107 4.88 1.73 13.51
N TYR A 108 3.63 1.91 13.88
CA TYR A 108 3.20 3.00 14.75
C TYR A 108 3.50 2.54 16.17
N TYR A 109 4.09 3.41 16.99
CA TYR A 109 4.27 3.10 18.41
C TYR A 109 4.11 4.30 19.33
N ASN A 110 4.02 3.96 20.61
CA ASN A 110 3.86 4.87 21.77
C ASN A 110 5.25 5.11 22.36
N LYS A 111 5.89 6.23 22.01
CA LYS A 111 7.26 6.54 22.49
C LYS A 111 7.26 6.60 24.01
N ASP A 112 6.24 7.19 24.63
CA ASP A 112 6.28 7.47 26.09
C ASP A 112 6.19 6.13 26.81
N LEU A 113 5.32 5.26 26.34
CA LEU A 113 5.14 3.93 26.99
C LEU A 113 6.38 3.05 26.82
N LEU A 114 7.01 3.00 25.63
CA LEU A 114 8.28 2.26 25.50
C LEU A 114 9.35 2.84 26.44
N LYS A 115 9.58 4.16 26.45
CA LYS A 115 10.55 4.80 27.38
C LYS A 115 10.22 4.48 28.85
N LYS A 116 8.97 4.71 29.26
CA LYS A 116 8.47 4.45 30.64
C LYS A 116 9.07 3.14 31.15
N HIS A 117 9.10 2.07 30.34
CA HIS A 117 9.53 0.71 30.74
C HIS A 117 10.87 0.27 30.15
N GLY A 118 11.67 1.20 29.62
CA GLY A 118 13.01 0.93 29.06
C GLY A 118 12.99 -0.13 27.97
N VAL A 119 12.11 0.00 27.00
CA VAL A 119 11.98 -1.02 25.92
C VAL A 119 12.38 -0.36 24.61
N PRO A 120 13.51 -0.79 24.00
CA PRO A 120 13.90 -0.29 22.69
C PRO A 120 12.82 -0.58 21.65
N VAL A 121 12.74 0.27 20.63
CA VAL A 121 11.88 0.00 19.45
C VAL A 121 12.34 -1.33 18.90
N PRO A 122 11.44 -2.33 18.73
CA PRO A 122 11.85 -3.63 18.20
C PRO A 122 12.26 -3.52 16.74
N ALA A 123 13.41 -4.12 16.44
CA ALA A 123 13.96 -4.19 15.06
C ALA A 123 13.67 -5.56 14.46
N THR A 124 13.37 -6.58 15.26
CA THR A 124 13.09 -7.92 14.69
C THR A 124 11.69 -8.34 15.13
N LEU A 125 11.12 -9.26 14.38
CA LEU A 125 9.87 -9.94 14.78
C LEU A 125 9.99 -10.51 16.19
N GLU A 126 11.10 -11.12 16.52
CA GLU A 126 11.24 -11.78 17.84
C GLU A 126 11.34 -10.69 18.93
N GLU A 127 12.00 -9.56 18.68
CA GLU A 127 12.07 -8.46 19.66
C GLU A 127 10.69 -7.80 19.81
N PHE A 128 9.86 -7.84 18.76
CA PHE A 128 8.50 -7.26 18.72
C PHE A 128 7.58 -8.07 19.63
N VAL A 129 7.53 -9.37 19.41
CA VAL A 129 6.76 -10.32 20.25
C VAL A 129 7.24 -10.16 21.70
N ALA A 130 8.54 -10.16 21.97
CA ALA A 130 9.02 -10.02 23.35
C ALA A 130 8.57 -8.64 23.89
N ALA A 131 8.60 -7.61 23.06
CA ALA A 131 8.27 -6.26 23.55
C ALA A 131 6.77 -6.22 23.92
N ALA A 132 5.93 -6.80 23.07
CA ALA A 132 4.46 -6.91 23.23
C ALA A 132 4.18 -7.62 24.56
N LYS A 133 4.88 -8.71 24.85
CA LYS A 133 4.67 -9.47 26.10
C LYS A 133 5.04 -8.64 27.29
N LYS A 134 6.21 -8.01 27.25
CA LYS A 134 6.75 -7.30 28.41
C LYS A 134 5.83 -6.13 28.72
N LEU A 135 5.39 -5.39 27.70
CA LEU A 135 4.65 -4.14 27.92
C LEU A 135 3.20 -4.50 28.27
N SER A 136 2.66 -5.57 27.69
CA SER A 136 1.32 -6.12 28.08
C SER A 136 1.27 -6.44 29.58
N ARG A 137 2.19 -7.22 30.08
CA ARG A 137 2.30 -7.51 31.52
C ARG A 137 2.41 -6.19 32.25
N ALA A 138 3.27 -5.28 31.79
CA ALA A 138 3.58 -4.04 32.53
C ALA A 138 2.33 -3.16 32.67
N GLU A 139 1.54 -3.05 31.60
CA GLU A 139 0.35 -2.16 31.58
C GLU A 139 -0.93 -2.94 31.91
N GLY A 140 -0.91 -4.27 32.05
CA GLY A 140 -2.09 -5.05 32.46
C GLY A 140 -3.11 -5.26 31.33
N GLY A 141 -2.75 -5.07 30.07
CA GLY A 141 -3.66 -5.25 28.92
C GLY A 141 -2.85 -5.48 27.64
N PRO A 142 -3.45 -6.04 26.57
CA PRO A 142 -2.71 -6.32 25.34
C PRO A 142 -2.31 -5.01 24.62
N VAL A 143 -1.02 -4.74 24.40
CA VAL A 143 -0.54 -3.43 23.84
C VAL A 143 -0.27 -3.49 22.35
N TYR A 144 -0.29 -4.64 21.70
CA TYR A 144 -0.20 -4.71 20.21
C TYR A 144 -1.63 -4.80 19.66
N TRP A 145 -2.05 -3.73 19.02
CA TRP A 145 -3.42 -3.58 18.47
C TRP A 145 -3.42 -3.94 16.98
N PHE A 146 -4.40 -4.72 16.55
CA PHE A 146 -4.47 -5.21 15.16
C PHE A 146 -5.92 -5.40 14.73
N GLN A 147 -6.21 -5.06 13.48
CA GLN A 147 -7.42 -5.44 12.75
C GLN A 147 -7.21 -6.85 12.25
N PRO A 148 -8.15 -7.78 12.50
CA PRO A 148 -8.01 -9.15 11.99
C PRO A 148 -8.45 -9.21 10.53
N ASP A 149 -7.54 -8.86 9.62
CA ASP A 149 -7.83 -8.61 8.18
C ASP A 149 -6.61 -9.09 7.38
N ALA A 150 -6.71 -9.15 6.07
CA ALA A 150 -5.61 -9.67 5.21
C ALA A 150 -4.38 -8.76 5.31
N SER A 151 -4.52 -7.52 5.73
CA SER A 151 -3.37 -6.57 5.77
C SER A 151 -2.45 -6.92 6.95
N THR A 152 -3.03 -7.18 8.09
CA THR A 152 -2.28 -7.56 9.31
C THR A 152 -1.68 -8.94 9.08
N PHE A 153 -2.44 -9.84 8.46
CA PHE A 153 -1.97 -11.19 8.09
C PHE A 153 -0.72 -11.05 7.19
N ALA A 154 -0.82 -10.22 6.14
CA ALA A 154 0.26 -10.06 5.13
C ALA A 154 1.58 -9.79 5.85
N TYR A 155 1.56 -8.93 6.87
CA TYR A 155 2.80 -8.43 7.50
C TYR A 155 3.51 -9.65 8.12
N PHE A 156 2.75 -10.45 8.85
CA PHE A 156 3.27 -11.64 9.57
C PHE A 156 3.60 -12.72 8.55
N PHE A 157 2.77 -12.86 7.52
CA PHE A 157 2.99 -13.86 6.46
C PHE A 157 4.32 -13.59 5.74
N PHE A 158 4.53 -12.37 5.22
CA PHE A 158 5.71 -11.98 4.42
C PHE A 158 7.00 -12.15 5.24
N ASN A 159 6.95 -11.85 6.54
CA ASN A 159 8.15 -11.84 7.41
C ASN A 159 8.30 -13.16 8.17
N LEU A 160 7.44 -14.17 7.92
CA LEU A 160 7.78 -15.58 8.22
C LEU A 160 8.17 -16.31 6.94
N GLY A 161 8.39 -15.61 5.84
CA GLY A 161 8.88 -16.26 4.59
C GLY A 161 7.77 -16.59 3.60
N GLY A 162 6.53 -16.20 3.86
CA GLY A 162 5.37 -16.56 3.02
C GLY A 162 5.43 -15.91 1.65
N SER A 163 4.99 -16.62 0.63
CA SER A 163 4.64 -16.08 -0.71
C SER A 163 3.27 -16.65 -1.07
N TYR A 164 2.39 -15.79 -1.64
CA TYR A 164 0.99 -16.08 -2.05
C TYR A 164 0.97 -17.02 -3.27
N LEU A 165 1.90 -16.88 -4.23
CA LEU A 165 2.00 -17.77 -5.43
C LEU A 165 3.10 -18.84 -5.26
N LYS A 166 2.82 -20.09 -5.67
CA LYS A 166 3.81 -21.19 -5.78
C LYS A 166 3.67 -21.72 -7.19
N ASP A 167 4.62 -21.39 -8.06
CA ASP A 167 4.61 -21.86 -9.46
C ASP A 167 3.34 -21.32 -10.12
N GLY A 168 3.03 -20.03 -9.88
CA GLY A 168 1.88 -19.33 -10.47
C GLY A 168 0.54 -19.53 -9.74
N LYS A 169 0.36 -20.59 -8.96
CA LYS A 169 -0.96 -20.88 -8.32
C LYS A 169 -1.07 -20.24 -6.91
N LEU A 170 -2.25 -19.67 -6.61
CA LEU A 170 -2.53 -19.01 -5.32
C LEU A 170 -2.68 -20.09 -4.25
N VAL A 171 -1.92 -19.95 -3.16
CA VAL A 171 -1.96 -20.90 -1.99
C VAL A 171 -2.17 -20.06 -0.72
N LEU A 172 -3.33 -20.21 -0.07
CA LEU A 172 -3.69 -19.43 1.13
C LEU A 172 -3.36 -20.26 2.36
N ASN A 173 -2.99 -21.54 2.18
CA ASN A 173 -2.85 -22.47 3.32
C ASN A 173 -1.46 -23.09 3.39
N SER A 174 -0.41 -22.39 2.91
CA SER A 174 0.99 -22.85 3.06
C SER A 174 1.34 -22.94 4.55
N LYS A 175 2.48 -23.56 4.89
CA LYS A 175 2.91 -23.61 6.32
C LYS A 175 3.23 -22.19 6.81
N GLU A 176 3.76 -21.31 5.96
CA GLU A 176 3.98 -19.90 6.37
C GLU A 176 2.66 -19.21 6.73
N ALA A 177 1.58 -19.39 5.98
CA ALA A 177 0.23 -18.85 6.30
C ALA A 177 -0.28 -19.39 7.64
N VAL A 178 -0.28 -20.69 7.83
CA VAL A 178 -0.72 -21.31 9.12
C VAL A 178 0.12 -20.70 10.26
N GLU A 179 1.42 -20.59 10.08
CA GLU A 179 2.34 -20.13 11.15
C GLU A 179 1.97 -18.67 11.50
N ALA A 180 1.73 -17.82 10.51
CA ALA A 180 1.34 -16.41 10.70
C ALA A 180 0.05 -16.33 11.53
N LEU A 181 -0.99 -17.02 11.08
CA LEU A 181 -2.33 -16.87 11.69
C LEU A 181 -2.26 -17.46 13.10
N THR A 182 -1.41 -18.47 13.30
CA THR A 182 -1.23 -19.14 14.61
C THR A 182 -0.54 -18.17 15.56
N LEU A 183 0.47 -17.44 15.06
CA LEU A 183 1.19 -16.40 15.81
C LEU A 183 0.20 -15.34 16.32
N LEU A 184 -0.66 -14.80 15.47
CA LEU A 184 -1.71 -13.81 15.85
C LEU A 184 -2.66 -14.42 16.86
N GLN A 185 -3.16 -15.63 16.61
CA GLN A 185 -4.11 -16.26 17.55
C GLN A 185 -3.46 -16.42 18.94
N ASN A 186 -2.23 -16.94 19.00
CA ASN A 186 -1.50 -17.11 20.29
C ASN A 186 -1.31 -15.73 20.94
N GLY A 187 -1.07 -14.67 20.16
CA GLY A 187 -1.02 -13.28 20.67
C GLY A 187 -2.27 -12.90 21.45
N VAL A 188 -3.43 -13.21 20.90
CA VAL A 188 -4.74 -12.99 21.55
C VAL A 188 -4.86 -13.89 22.80
N LYS A 189 -4.64 -15.20 22.67
CA LYS A 189 -4.69 -16.19 23.77
C LYS A 189 -3.74 -15.76 24.90
N GLU A 190 -2.53 -15.27 24.56
CA GLU A 190 -1.48 -14.99 25.58
C GLU A 190 -1.63 -13.56 26.16
N GLY A 191 -2.57 -12.72 25.69
CA GLY A 191 -2.77 -11.38 26.27
C GLY A 191 -1.82 -10.30 25.74
N TRP A 192 -1.09 -10.51 24.65
CA TRP A 192 -0.26 -9.40 24.12
C TRP A 192 -0.87 -8.76 22.86
N ALA A 193 -1.86 -9.36 22.20
CA ALA A 193 -2.39 -8.86 20.90
C ALA A 193 -3.87 -8.57 21.08
N LYS A 194 -4.28 -7.36 20.75
CA LYS A 194 -5.66 -6.93 20.97
C LYS A 194 -6.40 -6.80 19.65
N PRO A 195 -7.38 -7.65 19.35
CA PRO A 195 -8.11 -7.51 18.11
C PRO A 195 -8.91 -6.20 18.16
N ILE A 196 -8.88 -5.37 17.11
CA ILE A 196 -9.73 -4.14 16.95
C ILE A 196 -10.84 -4.42 15.92
N THR A 197 -12.09 -4.57 16.38
CA THR A 197 -13.21 -5.11 15.55
C THR A 197 -14.16 -3.99 15.09
N SER A 198 -14.05 -2.80 15.66
CA SER A 198 -14.94 -1.67 15.35
C SER A 198 -14.10 -0.43 15.07
N GLY A 199 -14.02 0.00 13.81
CA GLY A 199 -13.30 1.21 13.39
C GLY A 199 -11.82 0.96 13.30
N ALA A 200 -11.13 1.94 12.73
CA ALA A 200 -9.68 2.02 12.52
C ALA A 200 -8.99 2.03 13.89
N ILE A 201 -7.76 1.56 13.91
CA ILE A 201 -6.97 1.44 15.15
C ILE A 201 -6.89 2.83 15.79
N ASN A 202 -6.61 3.85 15.00
CA ASN A 202 -6.48 5.25 15.49
C ASN A 202 -7.81 5.77 16.08
N GLN A 203 -8.95 5.24 15.64
CA GLN A 203 -10.27 5.61 16.21
C GLN A 203 -10.52 4.90 17.53
N ASN A 204 -9.72 3.89 17.86
CA ASN A 204 -9.86 3.17 19.15
C ASN A 204 -8.86 3.63 20.22
N LEU A 205 -7.85 4.45 19.89
CA LEU A 205 -6.86 4.92 20.91
C LEU A 205 -7.56 5.61 22.10
N GLY A 206 -7.04 5.42 23.33
CA GLY A 206 -7.58 6.04 24.56
C GLY A 206 -8.46 5.11 25.37
N SER A 207 -8.77 3.94 24.85
CA SER A 207 -9.68 2.94 25.50
C SER A 207 -8.88 2.07 26.45
N GLY A 208 -7.57 1.97 26.26
CA GLY A 208 -6.64 1.26 27.15
C GLY A 208 -5.21 1.41 26.64
N PRO A 209 -4.25 0.71 27.27
CA PRO A 209 -2.84 0.92 26.97
C PRO A 209 -2.52 0.48 25.53
N TYR A 210 -1.83 1.32 24.81
CA TYR A 210 -1.40 1.04 23.43
C TYR A 210 0.10 1.20 23.31
N ALA A 211 0.84 0.24 22.72
CA ALA A 211 2.31 0.36 22.50
C ALA A 211 2.65 0.39 21.00
N PHE A 212 1.94 -0.43 20.19
CA PHE A 212 2.20 -0.54 18.74
C PHE A 212 1.03 -1.08 17.95
N SER A 213 1.03 -0.66 16.69
CA SER A 213 0.21 -1.21 15.59
C SER A 213 1.10 -1.25 14.36
N VAL A 214 0.80 -2.21 13.47
CA VAL A 214 1.26 -2.26 12.06
C VAL A 214 0.06 -1.78 11.22
N ASP A 215 0.21 -0.63 10.60
CA ASP A 215 -0.96 0.02 9.95
C ASP A 215 -0.44 0.89 8.81
N THR A 216 -1.37 1.33 7.98
CA THR A 216 -1.12 2.06 6.74
C THR A 216 -0.49 3.42 7.03
N SER A 217 0.50 3.78 6.21
CA SER A 217 1.10 5.14 6.21
C SER A 217 0.01 6.20 5.95
N ALA A 218 -1.12 5.85 5.30
CA ALA A 218 -2.21 6.82 4.95
C ALA A 218 -2.89 7.34 6.22
N GLY A 219 -2.74 6.63 7.36
CA GLY A 219 -3.41 6.93 8.63
C GLY A 219 -2.60 7.92 9.47
N TYR A 220 -1.47 8.40 8.92
CA TYR A 220 -0.46 9.10 9.74
C TYR A 220 -1.10 10.23 10.53
N THR A 221 -1.73 11.19 9.85
CA THR A 221 -2.29 12.42 10.50
C THR A 221 -3.45 11.99 11.41
N ALA A 222 -4.25 10.98 11.07
CA ALA A 222 -5.30 10.49 11.98
C ALA A 222 -4.66 9.83 13.23
N TYR A 223 -3.52 9.19 13.12
CA TYR A 223 -2.86 8.66 14.35
C TYR A 223 -2.40 9.85 15.18
N LEU A 224 -1.82 10.87 14.53
CA LEU A 224 -1.32 12.11 15.21
C LEU A 224 -2.39 12.86 16.00
N ARG A 225 -3.57 12.99 15.41
CA ARG A 225 -4.72 13.74 15.95
C ARG A 225 -5.22 13.00 17.21
N ALA A 226 -5.29 11.67 17.20
CA ALA A 226 -5.92 10.79 18.23
C ALA A 226 -4.92 10.38 19.31
N ALA A 227 -3.61 10.51 19.06
CA ALA A 227 -2.63 10.07 20.07
C ALA A 227 -2.50 11.11 21.17
N LYS A 228 -2.88 10.76 22.41
CA LYS A 228 -2.66 11.54 23.65
C LYS A 228 -1.37 11.02 24.32
N PHE A 229 -0.29 11.05 23.54
CA PHE A 229 1.05 10.52 23.88
C PHE A 229 1.95 10.89 22.70
N ASP A 230 3.27 10.83 22.87
CA ASP A 230 4.30 11.07 21.81
C ASP A 230 4.27 9.94 20.76
N LEU A 231 3.83 10.22 19.54
CA LEU A 231 3.65 9.13 18.55
C LEU A 231 4.97 8.80 17.85
N GLY A 232 5.31 7.53 17.72
CA GLY A 232 6.49 7.15 16.94
C GLY A 232 6.07 6.45 15.69
N VAL A 233 6.88 6.58 14.64
CA VAL A 233 6.83 5.76 13.40
C VAL A 233 8.20 5.12 13.21
N ALA A 234 8.24 3.81 13.03
CA ALA A 234 9.51 3.12 12.73
C ALA A 234 9.25 2.20 11.55
N THR A 235 10.32 1.76 10.87
CA THR A 235 10.28 0.67 9.86
C THR A 235 9.81 -0.61 10.56
N LEU A 236 9.31 -1.58 9.79
CA LEU A 236 8.72 -2.85 10.29
C LEU A 236 9.81 -3.79 10.78
N PRO A 237 9.60 -4.47 11.92
CA PRO A 237 10.52 -5.51 12.34
C PRO A 237 10.58 -6.62 11.28
N GLY A 238 11.77 -7.09 10.93
CA GLY A 238 11.95 -8.22 10.01
C GLY A 238 12.54 -9.41 10.72
N ARG A 239 12.75 -10.53 10.01
CA ARG A 239 13.27 -11.80 10.59
C ARG A 239 14.71 -11.63 11.09
N THR A 240 15.51 -10.84 10.39
CA THR A 240 16.97 -10.64 10.60
C THR A 240 17.10 -9.17 10.93
N LYS A 241 18.24 -8.64 11.37
CA LYS A 241 18.27 -7.39 12.18
C LYS A 241 18.82 -6.16 11.41
N GLY A 242 19.61 -6.35 10.34
CA GLY A 242 20.27 -5.24 9.61
C GLY A 242 19.45 -4.57 8.49
N GLN A 243 18.13 -4.80 8.40
CA GLN A 243 17.20 -4.29 7.36
C GLN A 243 15.73 -4.33 7.83
N PRO A 244 14.87 -3.40 7.39
CA PRO A 244 13.43 -3.53 7.65
C PRO A 244 12.78 -4.82 7.12
N GLY A 245 11.71 -5.23 7.79
CA GLY A 245 10.82 -6.28 7.35
C GLY A 245 10.09 -5.86 6.10
N TYR A 246 9.46 -6.81 5.45
CA TYR A 246 8.57 -6.47 4.33
C TYR A 246 7.27 -5.86 4.85
N GLY A 247 6.79 -4.85 4.13
CA GLY A 247 5.52 -4.15 4.32
C GLY A 247 4.67 -4.31 3.07
N LEU A 248 3.37 -4.37 3.26
CA LEU A 248 2.41 -4.22 2.16
C LEU A 248 2.46 -2.78 1.65
N VAL A 249 2.56 -2.67 0.33
CA VAL A 249 2.45 -1.38 -0.40
C VAL A 249 1.16 -1.53 -1.18
N GLN A 250 0.38 -0.47 -1.30
CA GLN A 250 -0.84 -0.51 -2.14
C GLN A 250 -0.79 0.66 -3.08
N GLY A 251 -1.34 0.43 -4.28
CA GLY A 251 -1.12 1.23 -5.48
C GLY A 251 -2.43 1.74 -6.04
N THR A 252 -2.40 2.92 -6.64
CA THR A 252 -3.37 3.47 -7.60
C THR A 252 -2.59 3.61 -8.91
N ASN A 253 -3.15 3.23 -10.05
CA ASN A 253 -2.44 3.31 -11.34
C ASN A 253 -3.08 4.29 -12.31
N LEU A 254 -2.27 4.70 -13.27
CA LEU A 254 -2.61 5.47 -14.48
C LEU A 254 -2.45 4.51 -15.67
N VAL A 255 -3.47 4.35 -16.50
CA VAL A 255 -3.36 3.41 -17.65
C VAL A 255 -3.97 4.10 -18.88
N VAL A 256 -3.83 3.45 -20.03
CA VAL A 256 -4.38 3.96 -21.32
C VAL A 256 -4.94 2.78 -22.15
N PHE A 257 -6.19 2.86 -22.56
CA PHE A 257 -6.92 1.82 -23.36
C PHE A 257 -6.28 1.70 -24.75
N ARG A 258 -6.21 0.47 -25.32
CA ARG A 258 -5.41 0.08 -26.53
C ARG A 258 -6.02 0.66 -27.82
N GLN A 259 -7.17 1.33 -27.73
CA GLN A 259 -7.86 1.92 -28.90
C GLN A 259 -7.13 3.19 -29.38
N ALA A 260 -6.66 4.06 -28.47
CA ALA A 260 -6.13 5.42 -28.75
C ALA A 260 -5.27 5.51 -30.02
N SER A 261 -5.42 6.57 -30.82
CA SER A 261 -4.59 6.95 -31.99
C SER A 261 -3.11 7.21 -31.64
N LYS A 262 -2.27 7.31 -32.68
CA LYS A 262 -0.84 7.72 -32.57
C LYS A 262 -0.75 9.09 -31.93
N GLU A 263 -1.46 10.05 -32.49
CA GLU A 263 -1.50 11.44 -31.98
C GLU A 263 -1.78 11.38 -30.47
N GLU A 264 -2.85 10.69 -30.04
CA GLU A 264 -3.26 10.58 -28.62
C GLU A 264 -2.13 9.93 -27.83
N GLN A 265 -1.50 8.89 -28.38
CA GLN A 265 -0.39 8.17 -27.72
C GLN A 265 0.80 9.13 -27.52
N ALA A 266 1.09 10.04 -28.46
CA ALA A 266 2.21 11.01 -28.31
C ALA A 266 1.94 11.90 -27.08
N VAL A 267 0.70 12.40 -26.94
CA VAL A 267 0.24 13.20 -25.77
C VAL A 267 0.33 12.38 -24.47
N ALA A 268 -0.20 11.17 -24.45
CA ALA A 268 -0.19 10.32 -23.24
C ALA A 268 1.25 10.04 -22.81
N LYS A 269 2.16 9.89 -23.77
CA LYS A 269 3.60 9.59 -23.53
C LYS A 269 4.23 10.80 -22.83
N ASP A 270 4.14 11.98 -23.45
CA ASP A 270 4.57 13.27 -22.86
C ASP A 270 3.95 13.47 -21.47
N PHE A 271 2.67 13.15 -21.25
CA PHE A 271 2.01 13.28 -19.93
C PHE A 271 2.61 12.34 -18.89
N LEU A 272 2.75 11.07 -19.25
CA LEU A 272 3.28 10.04 -18.30
C LEU A 272 4.75 10.29 -17.97
N GLU A 273 5.58 10.68 -18.94
CA GLU A 273 6.95 11.20 -18.70
C GLU A 273 6.91 12.42 -17.75
N PHE A 274 5.98 13.34 -17.94
CA PHE A 274 5.86 14.50 -17.02
C PHE A 274 5.58 14.02 -15.60
N VAL A 275 4.57 13.15 -15.49
CA VAL A 275 4.14 12.61 -14.18
C VAL A 275 5.35 11.93 -13.57
N LEU A 276 6.22 11.32 -14.37
CA LEU A 276 7.37 10.56 -13.79
C LEU A 276 8.58 11.47 -13.51
N SER A 277 8.53 12.74 -13.89
CA SER A 277 9.67 13.67 -13.68
C SER A 277 9.85 13.88 -12.19
N PRO A 278 11.07 14.20 -11.73
CA PRO A 278 11.36 14.33 -10.31
C PRO A 278 10.48 15.39 -9.60
N ARG A 279 10.20 16.54 -10.22
CA ARG A 279 9.51 17.66 -9.53
C ARG A 279 8.01 17.32 -9.47
N ALA A 280 7.43 16.75 -10.51
CA ALA A 280 6.04 16.24 -10.49
C ALA A 280 5.87 15.23 -9.36
N GLN A 281 6.78 14.25 -9.27
CA GLN A 281 6.77 13.22 -8.19
C GLN A 281 6.92 13.90 -6.82
N ALA A 282 7.83 14.86 -6.72
CA ALA A 282 8.12 15.50 -5.41
C ALA A 282 6.92 16.36 -5.00
N VAL A 283 6.28 17.07 -5.91
CA VAL A 283 5.13 17.92 -5.54
C VAL A 283 3.93 17.04 -5.17
N PHE A 284 3.62 16.02 -5.98
CA PHE A 284 2.51 15.08 -5.66
C PHE A 284 2.72 14.45 -4.29
N ALA A 285 3.91 13.92 -4.02
CA ALA A 285 4.23 13.25 -2.74
C ALA A 285 4.12 14.21 -1.55
N THR A 286 4.68 15.39 -1.63
CA THR A 286 4.61 16.36 -0.51
C THR A 286 3.15 16.80 -0.28
N ALA A 287 2.39 17.00 -1.35
CA ALA A 287 0.98 17.42 -1.23
C ALA A 287 0.11 16.29 -0.63
N THR A 288 0.47 15.00 -0.78
CA THR A 288 -0.48 13.90 -0.47
C THR A 288 -0.02 12.92 0.63
N GLY A 289 1.26 12.88 0.99
CA GLY A 289 1.82 11.84 1.90
C GLY A 289 2.12 10.54 1.17
N TYR A 290 1.88 10.49 -0.13
CA TYR A 290 2.23 9.34 -0.99
C TYR A 290 3.75 9.24 -1.09
N VAL A 291 4.23 8.03 -1.44
CA VAL A 291 5.68 7.79 -1.65
C VAL A 291 5.91 7.85 -3.14
N PRO A 292 6.93 8.65 -3.56
CA PRO A 292 7.35 8.69 -4.95
C PRO A 292 7.77 7.29 -5.41
N VAL A 293 7.71 7.10 -6.71
CA VAL A 293 7.96 5.80 -7.36
C VAL A 293 9.29 5.89 -8.13
N THR A 294 9.96 7.06 -8.17
CA THR A 294 11.25 7.21 -8.90
C THR A 294 12.42 7.47 -7.95
N GLU A 295 13.62 7.08 -8.35
CA GLU A 295 14.88 7.36 -7.61
C GLU A 295 15.19 8.87 -7.76
N GLY A 296 14.86 9.48 -8.91
CA GLY A 296 15.11 10.92 -9.19
C GLY A 296 14.36 11.84 -8.24
N ALA A 297 13.12 11.48 -7.91
CA ALA A 297 12.25 12.22 -6.96
C ALA A 297 12.99 12.44 -5.63
N LEU A 298 13.73 11.42 -5.18
CA LEU A 298 14.38 11.42 -3.83
C LEU A 298 15.55 12.41 -3.83
N LYS A 299 16.08 12.83 -5.00
CA LYS A 299 17.18 13.82 -5.08
C LYS A 299 16.65 15.20 -5.49
N ASP A 300 15.35 15.35 -5.60
CA ASP A 300 14.74 16.66 -5.96
C ASP A 300 14.67 17.46 -4.66
N PRO A 301 15.22 18.68 -4.66
CA PRO A 301 15.21 19.51 -3.45
C PRO A 301 13.83 19.69 -2.82
N VAL A 302 12.75 19.60 -3.58
CA VAL A 302 11.42 19.78 -2.93
C VAL A 302 11.15 18.54 -2.08
N TYR A 303 11.49 17.36 -2.56
CA TYR A 303 11.37 16.14 -1.74
C TYR A 303 12.35 16.30 -0.59
N GLN A 304 13.57 16.71 -0.89
CA GLN A 304 14.64 16.63 0.13
C GLN A 304 14.25 17.49 1.33
N ALA A 305 13.71 18.68 1.08
CA ALA A 305 13.35 19.67 2.12
C ALA A 305 12.19 19.12 2.94
N TYR A 306 11.16 18.58 2.29
CA TYR A 306 9.98 18.00 2.99
C TYR A 306 10.40 16.82 3.89
N ALA A 307 11.25 15.96 3.36
CA ALA A 307 11.79 14.79 4.11
C ALA A 307 12.55 15.30 5.35
N ALA A 308 13.26 16.40 5.22
CA ALA A 308 14.17 16.95 6.26
C ALA A 308 13.33 17.44 7.44
N GLU A 309 12.14 17.98 7.15
CA GLU A 309 11.24 18.55 8.20
C GLU A 309 10.27 17.50 8.72
N ASN A 310 10.21 16.32 8.10
CA ASN A 310 9.17 15.29 8.37
C ASN A 310 9.87 13.94 8.50
N PRO A 311 10.66 13.73 9.60
CA PRO A 311 11.38 12.48 9.82
C PRO A 311 10.44 11.26 9.82
N ASP A 312 9.17 11.41 10.25
CA ASP A 312 8.18 10.29 10.13
C ASP A 312 7.90 10.04 8.66
N TYR A 313 7.92 11.05 7.82
CA TYR A 313 7.74 10.79 6.38
C TYR A 313 8.99 10.13 5.80
N ALA A 314 10.19 10.61 6.17
CA ALA A 314 11.44 9.97 5.69
C ALA A 314 11.36 8.51 6.13
N THR A 315 10.85 8.20 7.31
CA THR A 315 10.72 6.76 7.72
C THR A 315 9.71 5.99 6.82
N ILE A 316 8.60 6.59 6.44
CA ILE A 316 7.58 5.95 5.56
C ILE A 316 8.27 5.63 4.23
N VAL A 317 9.03 6.58 3.70
CA VAL A 317 9.78 6.37 2.44
C VAL A 317 10.84 5.26 2.57
N ARG A 318 11.56 5.21 3.67
CA ARG A 318 12.58 4.16 3.88
C ARG A 318 11.86 2.81 3.89
N GLN A 319 10.69 2.71 4.52
CA GLN A 319 9.95 1.45 4.52
C GLN A 319 9.58 1.06 3.09
N SER A 320 9.26 2.03 2.24
CA SER A 320 8.69 1.79 0.90
C SER A 320 9.59 0.85 0.06
N ARG A 321 10.93 0.92 0.28
CA ARG A 321 12.00 0.11 -0.38
C ARG A 321 11.85 -1.38 -0.04
N TYR A 322 11.08 -1.75 0.99
CA TYR A 322 10.99 -3.16 1.49
C TYR A 322 9.54 -3.60 1.42
N ALA A 323 8.99 -3.37 0.25
CA ALA A 323 7.55 -3.41 -0.07
C ALA A 323 7.24 -4.73 -0.75
N LYS A 324 6.12 -5.39 -0.40
CA LYS A 324 5.54 -6.41 -1.29
C LYS A 324 4.11 -6.02 -1.67
N PHE A 325 3.73 -6.42 -2.89
CA PHE A 325 2.37 -6.29 -3.44
C PHE A 325 1.62 -7.59 -3.18
N GLU A 326 0.30 -7.48 -3.01
CA GLU A 326 -0.64 -8.62 -3.06
C GLU A 326 -0.72 -9.13 -4.51
N PRO A 327 -1.20 -10.37 -4.72
CA PRO A 327 -1.32 -10.91 -6.06
C PRO A 327 -2.24 -10.05 -6.96
N ALA A 328 -1.86 -10.01 -8.23
CA ALA A 328 -2.48 -9.15 -9.25
C ALA A 328 -3.39 -10.04 -10.09
N LEU A 329 -4.51 -10.42 -9.49
CA LEU A 329 -5.57 -11.30 -10.03
C LEU A 329 -6.88 -10.53 -9.92
N ALA A 330 -7.75 -10.65 -10.93
CA ALA A 330 -9.06 -9.95 -10.99
C ALA A 330 -9.89 -10.29 -9.73
N GLU A 331 -9.80 -11.51 -9.23
CA GLU A 331 -10.65 -12.00 -8.12
C GLU A 331 -10.08 -11.61 -6.74
N TRP A 332 -8.96 -10.90 -6.68
CA TRP A 332 -8.16 -10.85 -5.43
C TRP A 332 -8.92 -10.03 -4.38
N GLU A 333 -9.49 -8.89 -4.74
CA GLU A 333 -10.37 -8.09 -3.86
C GLU A 333 -11.41 -9.02 -3.19
N GLN A 334 -12.09 -9.88 -3.94
CA GLN A 334 -13.10 -10.82 -3.36
C GLN A 334 -12.41 -11.84 -2.42
N ILE A 335 -11.29 -12.45 -2.84
CA ILE A 335 -10.60 -13.49 -2.01
C ILE A 335 -10.15 -12.86 -0.69
N ARG A 336 -9.55 -11.70 -0.77
CA ARG A 336 -8.95 -10.98 0.39
C ARG A 336 -10.04 -10.68 1.43
N PHE A 337 -11.19 -10.25 0.98
CA PHE A 337 -12.27 -9.84 1.91
C PHE A 337 -13.11 -11.07 2.28
N ASP A 338 -13.71 -11.77 1.33
CA ASP A 338 -14.80 -12.73 1.63
C ASP A 338 -14.26 -14.11 2.04
N ILE A 339 -12.98 -14.40 1.77
CA ILE A 339 -12.43 -15.76 1.93
C ILE A 339 -11.24 -15.80 2.88
N LEU A 340 -10.13 -15.17 2.53
CA LEU A 340 -8.96 -15.04 3.43
C LEU A 340 -9.36 -14.24 4.69
N GLY A 341 -9.98 -13.07 4.52
CA GLY A 341 -10.37 -12.19 5.62
C GLY A 341 -11.34 -12.89 6.51
N GLN A 342 -12.22 -13.73 5.96
CA GLN A 342 -13.16 -14.48 6.81
C GLN A 342 -12.40 -15.51 7.63
N ALA A 343 -11.44 -16.26 7.03
CA ALA A 343 -10.73 -17.33 7.77
C ALA A 343 -9.99 -16.66 8.92
N ILE A 344 -9.46 -15.47 8.64
CA ILE A 344 -8.69 -14.74 9.69
C ILE A 344 -9.64 -14.38 10.83
N LYS A 345 -10.80 -13.82 10.52
CA LYS A 345 -11.83 -13.42 11.50
C LYS A 345 -12.22 -14.67 12.29
N GLU A 346 -12.50 -15.76 11.58
CA GLU A 346 -12.88 -17.07 12.18
C GLU A 346 -11.80 -17.53 13.16
N ALA A 347 -10.54 -17.51 12.81
CA ALA A 347 -9.46 -17.96 13.72
C ALA A 347 -9.36 -17.00 14.91
N ILE A 348 -9.47 -15.69 14.66
CA ILE A 348 -9.17 -14.64 15.68
C ILE A 348 -10.36 -14.40 16.64
N LEU A 349 -11.62 -14.40 16.19
CA LEU A 349 -12.81 -14.03 17.02
C LEU A 349 -13.66 -15.25 17.37
N ASN A 350 -13.60 -16.38 16.64
CA ASN A 350 -14.44 -17.58 16.92
C ASN A 350 -13.56 -18.78 17.21
N LYS A 351 -12.25 -18.60 17.41
CA LYS A 351 -11.32 -19.69 17.85
C LYS A 351 -11.28 -20.85 16.84
N ALA A 352 -11.58 -20.60 15.57
CA ALA A 352 -11.37 -21.62 14.52
C ALA A 352 -9.90 -22.08 14.62
N ASP A 353 -9.65 -23.36 14.28
CA ASP A 353 -8.28 -23.89 14.10
C ASP A 353 -7.64 -23.19 12.90
N PRO A 354 -6.45 -22.55 13.05
CA PRO A 354 -5.81 -21.83 11.94
C PRO A 354 -5.65 -22.65 10.65
N LYS A 355 -5.10 -23.87 10.75
CA LYS A 355 -4.99 -24.82 9.62
C LYS A 355 -6.37 -25.11 8.98
N ALA A 356 -7.35 -25.59 9.73
CA ALA A 356 -8.68 -25.95 9.16
C ALA A 356 -9.34 -24.71 8.46
N ALA A 357 -9.27 -23.52 9.05
CA ALA A 357 -9.76 -22.23 8.48
C ALA A 357 -9.10 -21.88 7.14
N LEU A 358 -7.78 -22.01 7.04
CA LEU A 358 -7.03 -21.68 5.80
C LEU A 358 -7.22 -22.78 4.74
N ASP A 359 -7.41 -24.03 5.16
CA ASP A 359 -7.78 -25.15 4.25
C ASP A 359 -9.15 -24.89 3.61
N ARG A 360 -10.15 -24.47 4.38
CA ARG A 360 -11.49 -24.04 3.88
C ARG A 360 -11.32 -22.84 2.95
N ALA A 361 -10.48 -21.88 3.34
CA ALA A 361 -10.21 -20.68 2.52
C ALA A 361 -9.61 -21.10 1.15
N GLN A 362 -8.62 -21.99 1.16
CA GLN A 362 -7.95 -22.45 -0.08
C GLN A 362 -9.00 -23.05 -1.03
N LYS A 363 -9.79 -23.99 -0.53
CA LYS A 363 -10.86 -24.67 -1.30
C LYS A 363 -11.80 -23.63 -1.91
N LEU A 364 -12.19 -22.61 -1.12
CA LEU A 364 -13.20 -21.63 -1.60
C LEU A 364 -12.53 -20.80 -2.67
N ALA A 365 -11.25 -20.49 -2.49
CA ALA A 365 -10.46 -19.68 -3.46
C ALA A 365 -10.25 -20.51 -4.74
N GLU A 366 -9.93 -21.82 -4.62
CA GLU A 366 -9.71 -22.67 -5.83
C GLU A 366 -11.01 -22.75 -6.65
N ASP A 367 -12.15 -22.90 -5.97
CA ASP A 367 -13.54 -22.89 -6.49
C ASP A 367 -13.81 -21.60 -7.25
N LEU A 368 -13.52 -20.45 -6.64
CA LEU A 368 -13.84 -19.14 -7.27
C LEU A 368 -12.95 -18.94 -8.50
N LEU A 369 -11.70 -19.40 -8.48
CA LEU A 369 -10.68 -19.10 -9.53
C LEU A 369 -10.85 -20.01 -10.77
N SER A 370 -11.50 -21.17 -10.64
CA SER A 370 -11.67 -22.17 -11.73
C SER A 370 -12.97 -21.93 -12.52
N SER A 371 -13.96 -21.25 -11.92
CA SER A 371 -15.16 -20.66 -12.59
C SER A 371 -14.71 -19.68 -13.67
#